data_6C8Z
#
_entry.id   6C8Z
#
_cell.length_a   81.081
_cell.length_b   75.986
_cell.length_c   82.442
_cell.angle_alpha   90.000
_cell.angle_beta   94.920
_cell.angle_gamma   90.000
#
_symmetry.space_group_name_H-M   'C 1 2 1'
#
loop_
_entity.id
_entity.type
_entity.pdbx_description
1 polymer 'ADP-dependent phosphofructokinase'
2 non-polymer "ADENOSINE-5'-DIPHOSPHATE"
3 non-polymer 'NICKEL (II) ION'
4 non-polymer 'MAGNESIUM ION'
5 water water
#
_entity_poly.entity_id   1
_entity_poly.type   'polypeptide(L)'
_entity_poly.pdbx_seq_one_letter_code
;MGSSHHHHHHSSGENLYFQGHMDISEWEKRYNEAYSDISKSLKKVKGIFVAYNSNIDAIKHIDEDDIEKLLEQVDAKEVQ
ERIMEYPRQIDSPADFVARLIISMRDGKAAEVPTYTTDIHEWLTDNLGFDEARMGGQAGIISNLLANMGIKNVIAYVPWL
SKEQAEYFVDSENLLHPVVENGKLELKHPKEAYNPDNKPKVNWIIEFSKGLEVKFAGEKIVVPRDNRLIVSSRPPWIRID
MSEELYEHLPEIGKNIDGAILSGYQMIKEEYEDGKTYKDYVEKAVNVIKRLKEGNPDIRIHVEFTSIQNKLIRKAILKDI
VRKHVHSLGLDTVEVANALNVLGYEELAYSVIKKDENAIVALYEGAVILLHELKLERVHVHSLGYYICVVSKDSPVSPED
HRKSLLFASTVAAARALLGNINSLDDIEAGLDVPVSEQGYNQLEKLEKYLVRRGICTLEDFENGCICTPNHDVIIIPTKV
VEKPVATVGIGDTISAAAFVSVLAKMKKKNE
;
_entity_poly.pdbx_strand_id   A
#
# COMPACT_ATOMS: atom_id res chain seq x y z
N MET A 22 30.53 4.56 -10.58
CA MET A 22 31.77 4.14 -11.31
C MET A 22 31.53 2.80 -12.02
N ASP A 23 31.18 1.77 -11.25
CA ASP A 23 30.86 0.45 -11.79
C ASP A 23 29.52 -0.04 -11.24
N ILE A 24 28.46 0.25 -11.99
CA ILE A 24 27.20 -0.47 -11.83
C ILE A 24 27.22 -1.79 -12.57
N SER A 25 28.21 -2.00 -13.45
CA SER A 25 28.33 -3.26 -14.16
C SER A 25 28.31 -4.45 -13.21
N GLU A 26 28.91 -4.34 -12.04
CA GLU A 26 28.84 -5.41 -11.07
C GLU A 26 27.44 -5.52 -10.49
N TRP A 27 26.78 -4.40 -10.25
CA TRP A 27 25.43 -4.47 -9.74
C TRP A 27 24.55 -5.12 -10.79
N GLU A 28 24.80 -4.81 -12.05
CA GLU A 28 24.01 -5.33 -13.16
C GLU A 28 24.04 -6.85 -13.26
N LYS A 29 25.22 -7.42 -13.05
CA LYS A 29 25.32 -8.86 -13.06
C LYS A 29 24.52 -9.43 -11.92
N ARG A 30 24.61 -8.81 -10.76
CA ARG A 30 23.89 -9.31 -9.62
C ARG A 30 22.40 -9.29 -9.89
N TYR A 31 21.93 -8.26 -10.57
CA TYR A 31 20.50 -8.14 -10.83
C TYR A 31 20.03 -9.32 -11.67
N ASN A 32 20.83 -9.69 -12.66
CA ASN A 32 20.49 -10.81 -13.52
C ASN A 32 20.45 -12.14 -12.79
N GLU A 33 21.42 -12.35 -11.90
CA GLU A 33 21.46 -13.55 -11.09
C GLU A 33 20.25 -13.59 -10.16
N ALA A 34 19.90 -12.44 -9.60
CA ALA A 34 18.78 -12.34 -8.69
C ALA A 34 17.49 -12.68 -9.43
N TYR A 35 17.31 -12.15 -10.63
CA TYR A 35 16.08 -12.43 -11.35
C TYR A 35 15.87 -13.88 -11.70
N SER A 36 16.92 -14.53 -12.20
CA SER A 36 16.82 -15.93 -12.59
C SER A 36 16.53 -16.85 -11.43
N ASP A 37 17.24 -16.62 -10.33
CA ASP A 37 17.09 -17.43 -9.14
C ASP A 37 15.71 -17.33 -8.49
N ILE A 38 15.19 -16.11 -8.40
CA ILE A 38 13.88 -15.90 -7.78
C ILE A 38 12.76 -16.34 -8.72
N SER A 39 12.87 -15.99 -10.01
CA SER A 39 11.92 -16.47 -11.00
C SER A 39 11.66 -17.96 -10.83
N LYS A 40 12.73 -18.75 -10.75
CA LYS A 40 12.58 -20.19 -10.58
C LYS A 40 12.03 -20.53 -9.20
N SER A 41 12.48 -19.81 -8.17
CA SER A 41 12.20 -20.23 -6.79
C SER A 41 10.74 -20.04 -6.41
N LEU A 42 10.07 -19.02 -6.97
CA LEU A 42 8.69 -18.71 -6.59
C LEU A 42 7.77 -19.92 -6.71
N LYS A 43 8.14 -20.91 -7.53
CA LYS A 43 7.39 -22.17 -7.61
C LYS A 43 7.13 -22.77 -6.24
N LYS A 44 7.94 -22.42 -5.24
CA LYS A 44 7.96 -23.11 -3.95
C LYS A 44 6.95 -22.54 -2.96
N VAL A 45 6.44 -21.34 -3.20
CA VAL A 45 5.49 -20.71 -2.29
C VAL A 45 4.14 -21.36 -2.48
N LYS A 46 3.61 -21.97 -1.42
CA LYS A 46 2.37 -22.73 -1.55
C LYS A 46 1.11 -21.92 -1.35
N GLY A 47 1.22 -20.70 -0.82
CA GLY A 47 0.06 -19.84 -0.66
C GLY A 47 0.36 -18.62 0.16
N ILE A 48 -0.44 -17.57 0.00
CA ILE A 48 -0.21 -16.30 0.70
C ILE A 48 -1.54 -15.56 0.84
N PHE A 49 -1.84 -15.16 2.07
CA PHE A 49 -3.09 -14.53 2.44
C PHE A 49 -2.93 -13.02 2.46
N VAL A 50 -3.69 -12.32 1.62
CA VAL A 50 -3.58 -10.88 1.43
C VAL A 50 -4.90 -10.27 1.85
N ALA A 51 -4.90 -9.37 2.84
CA ALA A 51 -6.15 -9.02 3.47
C ALA A 51 -6.27 -7.55 3.82
N TYR A 52 -7.51 -7.06 3.65
CA TYR A 52 -8.14 -5.93 4.34
C TYR A 52 -8.49 -4.80 3.38
N ASN A 53 -7.56 -3.91 3.02
CA ASN A 53 -7.94 -2.70 2.29
C ASN A 53 -7.90 -2.93 0.79
N SER A 54 -9.09 -3.08 0.20
CA SER A 54 -9.29 -3.02 -1.24
C SER A 54 -10.40 -2.00 -1.51
N ASN A 55 -10.32 -1.34 -2.66
CA ASN A 55 -11.25 -0.28 -3.00
C ASN A 55 -11.11 0.05 -4.47
N ILE A 56 -12.02 0.87 -4.99
CA ILE A 56 -11.99 1.28 -6.39
C ILE A 56 -11.63 2.77 -6.43
N ASP A 57 -10.59 3.10 -7.17
CA ASP A 57 -10.27 4.50 -7.45
C ASP A 57 -10.84 4.86 -8.81
N ALA A 58 -11.71 5.88 -8.83
CA ALA A 58 -12.36 6.32 -10.05
C ALA A 58 -11.93 7.76 -10.35
N ILE A 59 -11.68 8.01 -11.64
CA ILE A 59 -11.25 9.32 -12.11
C ILE A 59 -12.25 9.82 -13.16
N LYS A 60 -12.65 11.08 -13.03
CA LYS A 60 -13.57 11.70 -13.96
C LYS A 60 -13.12 13.10 -14.29
N HIS A 61 -13.04 13.44 -15.57
CA HIS A 61 -12.67 14.79 -15.96
C HIS A 61 -14.01 15.40 -16.32
N ILE A 62 -14.42 16.44 -15.60
CA ILE A 62 -15.72 17.03 -15.86
C ILE A 62 -15.67 18.26 -16.75
N ASP A 63 -16.51 18.21 -17.78
CA ASP A 63 -16.70 19.31 -18.69
C ASP A 63 -17.94 20.10 -18.26
N GLU A 64 -18.45 20.96 -19.12
CA GLU A 64 -19.60 21.81 -18.81
C GLU A 64 -20.91 21.04 -18.91
N ASP A 65 -21.07 20.20 -19.93
CA ASP A 65 -22.28 19.42 -20.08
C ASP A 65 -22.53 18.54 -18.87
N ASP A 66 -21.45 18.12 -18.22
CA ASP A 66 -21.57 17.26 -17.06
C ASP A 66 -22.09 18.04 -15.88
N ILE A 67 -21.51 19.20 -15.64
CA ILE A 67 -21.93 20.02 -14.53
C ILE A 67 -23.40 20.39 -14.63
N GLU A 68 -23.84 20.63 -15.84
CA GLU A 68 -25.20 21.01 -16.12
C GLU A 68 -26.18 19.91 -15.70
N LYS A 69 -25.82 18.65 -15.88
CA LYS A 69 -26.68 17.55 -15.45
C LYS A 69 -26.76 17.48 -13.93
N LEU A 70 -25.65 17.73 -13.24
CA LEU A 70 -25.66 17.74 -11.78
C LEU A 70 -26.60 18.83 -11.26
N LEU A 71 -26.45 20.06 -11.75
CA LEU A 71 -27.33 21.15 -11.36
C LEU A 71 -28.79 20.83 -11.68
N GLU A 72 -29.02 20.04 -12.74
CA GLU A 72 -30.37 19.62 -13.11
C GLU A 72 -30.97 18.65 -12.10
N GLN A 73 -30.18 18.21 -11.12
CA GLN A 73 -30.55 17.14 -10.19
C GLN A 73 -30.66 17.66 -8.77
N VAL A 74 -30.24 18.91 -8.58
CA VAL A 74 -30.16 19.56 -7.28
C VAL A 74 -30.79 20.95 -7.27
N ASP A 75 -31.11 21.44 -6.08
CA ASP A 75 -31.71 22.75 -5.94
C ASP A 75 -30.64 23.81 -5.66
N ALA A 76 -30.65 24.89 -6.43
CA ALA A 76 -29.64 25.93 -6.27
C ALA A 76 -29.73 26.59 -4.91
N LYS A 77 -30.92 26.93 -4.48
CA LYS A 77 -31.08 27.52 -3.17
C LYS A 77 -30.44 26.67 -2.10
N GLU A 78 -30.64 25.37 -2.13
CA GLU A 78 -29.96 24.52 -1.18
C GLU A 78 -28.46 24.53 -1.36
N VAL A 79 -27.96 24.42 -2.57
CA VAL A 79 -26.53 24.42 -2.73
C VAL A 79 -25.92 25.74 -2.30
N GLN A 80 -26.53 26.87 -2.64
CA GLN A 80 -26.02 28.14 -2.19
C GLN A 80 -26.03 28.17 -0.68
N GLU A 81 -27.09 27.75 -0.03
CA GLU A 81 -27.09 27.69 1.41
C GLU A 81 -26.01 26.76 1.90
N ARG A 82 -25.84 25.60 1.29
CA ARG A 82 -24.74 24.74 1.69
C ARG A 82 -23.40 25.42 1.49
N ILE A 83 -23.19 26.12 0.38
CA ILE A 83 -21.95 26.82 0.16
C ILE A 83 -21.64 27.89 1.19
N MET A 84 -22.64 28.56 1.74
CA MET A 84 -22.40 29.60 2.72
C MET A 84 -21.74 29.00 3.95
N GLU A 85 -22.26 27.88 4.42
CA GLU A 85 -21.64 27.18 5.52
C GLU A 85 -20.81 26.12 4.85
N TYR A 86 -19.50 26.26 4.88
CA TYR A 86 -18.59 25.34 4.21
C TYR A 86 -18.77 24.00 4.86
N PRO A 87 -18.94 22.95 4.06
CA PRO A 87 -19.21 21.59 4.50
C PRO A 87 -17.97 20.77 4.47
N ARG A 88 -17.72 20.01 5.50
CA ARG A 88 -16.50 19.25 5.63
C ARG A 88 -16.66 17.80 5.36
N GLN A 89 -17.76 17.48 4.74
CA GLN A 89 -18.10 16.10 4.40
C GLN A 89 -19.21 16.11 3.35
N ILE A 90 -19.27 15.04 2.57
CA ILE A 90 -20.28 14.87 1.52
C ILE A 90 -21.25 13.81 2.01
N ASP A 91 -22.50 14.20 2.26
CA ASP A 91 -23.56 13.28 2.61
C ASP A 91 -24.70 13.28 1.62
N SER A 92 -25.00 14.43 1.02
CA SER A 92 -26.07 14.62 0.05
C SER A 92 -25.48 15.05 -1.28
N PRO A 93 -26.17 14.79 -2.40
CA PRO A 93 -25.67 15.31 -3.69
C PRO A 93 -25.52 16.82 -3.70
N ALA A 94 -26.22 17.58 -2.85
CA ALA A 94 -26.03 19.01 -2.76
C ALA A 94 -24.72 19.32 -2.08
N ASP A 95 -24.38 18.63 -1.00
CA ASP A 95 -23.07 18.75 -0.43
C ASP A 95 -22.00 18.62 -1.50
N PHE A 96 -22.02 17.60 -2.41
CA PHE A 96 -21.05 17.40 -3.49
C PHE A 96 -20.96 18.64 -4.37
N VAL A 97 -22.09 19.07 -4.89
CA VAL A 97 -22.09 20.21 -5.77
C VAL A 97 -21.56 21.45 -5.06
N ALA A 98 -21.93 21.65 -3.80
CA ALA A 98 -21.45 22.80 -3.09
C ALA A 98 -19.93 22.77 -2.93
N ARG A 99 -19.38 21.63 -2.55
CA ARG A 99 -17.93 21.52 -2.42
C ARG A 99 -17.28 21.63 -3.78
N LEU A 100 -17.90 21.02 -4.77
CA LEU A 100 -17.35 21.05 -6.10
C LEU A 100 -17.26 22.48 -6.61
N ILE A 101 -18.30 23.27 -6.39
CA ILE A 101 -18.26 24.66 -6.82
C ILE A 101 -17.19 25.44 -6.09
N ILE A 102 -17.07 25.23 -4.79
CA ILE A 102 -16.03 25.90 -4.01
C ILE A 102 -14.66 25.65 -4.62
N SER A 103 -14.27 24.40 -4.70
CA SER A 103 -13.02 24.10 -5.28
C SER A 103 -12.90 24.51 -6.74
N MET A 104 -14.02 24.77 -7.42
CA MET A 104 -13.97 25.27 -8.80
C MET A 104 -13.56 26.75 -8.91
N ARG A 105 -14.16 27.60 -8.07
CA ARG A 105 -13.84 29.04 -8.00
C ARG A 105 -12.56 29.37 -7.22
N ASP A 106 -12.41 28.80 -6.04
CA ASP A 106 -11.19 28.98 -5.30
C ASP A 106 -10.23 28.05 -6.04
N GLY A 107 -9.02 28.53 -6.31
CA GLY A 107 -8.04 27.76 -7.03
C GLY A 107 -7.55 26.46 -6.41
N LYS A 108 -7.47 26.45 -5.09
CA LYS A 108 -6.92 25.32 -4.35
C LYS A 108 -7.60 23.96 -4.47
N ALA A 109 -6.77 22.93 -4.43
CA ALA A 109 -7.22 21.54 -4.46
C ALA A 109 -7.68 21.12 -3.07
N ALA A 110 -8.48 20.06 -3.00
CA ALA A 110 -8.97 19.56 -1.72
C ALA A 110 -9.49 18.13 -1.73
N GLU A 111 -9.38 17.51 -0.57
CA GLU A 111 -9.89 16.16 -0.32
C GLU A 111 -11.00 16.26 0.71
N VAL A 112 -12.13 15.63 0.43
CA VAL A 112 -13.29 15.70 1.30
C VAL A 112 -13.83 14.28 1.50
N PRO A 113 -14.12 13.85 2.72
CA PRO A 113 -14.61 12.48 2.92
C PRO A 113 -16.13 12.37 2.84
N THR A 114 -16.58 11.19 2.45
CA THR A 114 -17.99 10.80 2.52
C THR A 114 -18.10 9.52 3.33
N TYR A 115 -19.13 9.45 4.17
CA TYR A 115 -19.29 8.33 5.08
C TYR A 115 -20.41 7.39 4.65
N THR A 116 -20.81 7.46 3.38
CA THR A 116 -21.86 6.59 2.85
C THR A 116 -21.46 6.11 1.46
N THR A 117 -22.05 4.99 1.07
CA THR A 117 -21.85 4.41 -0.25
C THR A 117 -22.86 4.97 -1.22
N ASP A 118 -23.82 5.72 -0.72
CA ASP A 118 -24.84 6.35 -1.53
C ASP A 118 -24.26 7.40 -2.44
N ILE A 119 -23.25 8.09 -1.98
CA ILE A 119 -22.63 9.11 -2.79
C ILE A 119 -22.03 8.52 -4.04
N HIS A 120 -21.39 7.38 -3.95
CA HIS A 120 -20.83 6.77 -5.12
C HIS A 120 -21.89 6.39 -6.11
N GLU A 121 -22.97 5.85 -5.61
CA GLU A 121 -24.05 5.44 -6.45
C GLU A 121 -24.69 6.60 -7.18
N TRP A 122 -24.82 7.73 -6.52
CA TRP A 122 -25.39 8.90 -7.17
C TRP A 122 -24.50 9.35 -8.29
N LEU A 123 -23.21 9.36 -8.04
CA LEU A 123 -22.23 9.76 -9.03
C LEU A 123 -22.22 8.81 -10.20
N THR A 124 -22.38 7.53 -9.95
CA THR A 124 -22.39 6.59 -11.03
C THR A 124 -23.60 6.77 -11.89
N ASP A 125 -24.74 7.01 -11.26
CA ASP A 125 -25.98 7.17 -12.02
C ASP A 125 -26.09 8.52 -12.73
N ASN A 126 -25.43 9.53 -12.19
CA ASN A 126 -25.54 10.85 -12.76
C ASN A 126 -24.28 11.48 -13.34
N LEU A 127 -23.11 10.91 -13.11
CA LEU A 127 -21.94 11.52 -13.67
C LEU A 127 -21.15 10.66 -14.59
N GLY A 128 -20.74 9.50 -14.13
CA GLY A 128 -19.91 8.61 -14.90
C GLY A 128 -18.47 8.84 -14.56
N PHE A 129 -17.62 7.92 -14.93
CA PHE A 129 -16.21 8.13 -14.71
C PHE A 129 -15.47 7.76 -15.95
N ASP A 130 -14.29 8.31 -16.16
CA ASP A 130 -13.57 8.02 -17.41
C ASP A 130 -12.77 6.74 -17.26
N GLU A 131 -12.01 6.62 -16.18
CA GLU A 131 -11.25 5.43 -15.88
C GLU A 131 -11.50 5.02 -14.43
N ALA A 132 -11.33 3.73 -14.16
CA ALA A 132 -11.33 3.21 -12.81
C ALA A 132 -10.27 2.13 -12.70
N ARG A 133 -9.80 1.90 -11.48
CA ARG A 133 -8.72 0.96 -11.24
C ARG A 133 -8.81 0.46 -9.81
N MET A 134 -8.38 -0.78 -9.61
CA MET A 134 -8.22 -1.31 -8.26
C MET A 134 -7.36 -0.39 -7.43
N GLY A 135 -7.71 -0.27 -6.17
CA GLY A 135 -7.01 0.58 -5.25
C GLY A 135 -6.88 -0.14 -3.93
N GLY A 136 -6.09 0.46 -3.05
CA GLY A 136 -5.83 -0.09 -1.74
C GLY A 136 -4.59 -0.96 -1.80
N GLN A 137 -3.89 -1.08 -0.69
CA GLN A 137 -2.70 -1.90 -0.61
C GLN A 137 -2.93 -3.38 -0.80
N ALA A 138 -3.97 -3.93 -0.18
CA ALA A 138 -4.22 -5.36 -0.33
C ALA A 138 -4.66 -5.71 -1.75
N GLY A 139 -5.65 -5.00 -2.27
CA GLY A 139 -6.17 -5.31 -3.59
C GLY A 139 -5.09 -5.26 -4.66
N ILE A 140 -4.19 -4.28 -4.56
CA ILE A 140 -3.09 -4.16 -5.52
C ILE A 140 -2.14 -5.35 -5.39
N ILE A 141 -1.70 -5.64 -4.17
CA ILE A 141 -0.81 -6.78 -3.95
C ILE A 141 -1.49 -8.06 -4.39
N SER A 142 -2.80 -8.19 -4.12
CA SER A 142 -3.54 -9.37 -4.55
C SER A 142 -3.41 -9.58 -6.06
N ASN A 143 -3.73 -8.55 -6.85
CA ASN A 143 -3.63 -8.69 -8.29
C ASN A 143 -2.19 -8.86 -8.73
N LEU A 144 -1.26 -8.17 -8.09
CA LEU A 144 0.16 -8.31 -8.43
C LEU A 144 0.58 -9.78 -8.33
N LEU A 145 0.40 -10.38 -7.16
CA LEU A 145 0.88 -11.74 -6.95
C LEU A 145 0.09 -12.74 -7.78
N ALA A 146 -1.11 -12.35 -8.19
CA ALA A 146 -1.91 -13.22 -9.04
C ALA A 146 -1.23 -13.30 -10.40
N ASN A 147 -1.05 -12.15 -11.05
CA ASN A 147 -0.41 -12.12 -12.35
C ASN A 147 1.02 -12.62 -12.29
N MET A 148 1.61 -12.66 -11.10
CA MET A 148 2.98 -13.10 -10.93
C MET A 148 3.09 -14.62 -10.90
N GLY A 149 1.95 -15.31 -10.92
CA GLY A 149 1.94 -16.75 -10.94
C GLY A 149 2.00 -17.46 -9.61
N ILE A 150 1.84 -16.71 -8.53
CA ILE A 150 1.88 -17.31 -7.22
C ILE A 150 0.65 -18.18 -6.97
N LYS A 151 0.87 -19.37 -6.44
CA LYS A 151 -0.21 -20.28 -6.12
C LYS A 151 -0.93 -19.85 -4.86
N ASN A 152 -2.21 -20.18 -4.78
CA ASN A 152 -3.00 -19.88 -3.59
C ASN A 152 -3.03 -18.46 -3.06
N VAL A 153 -3.25 -17.47 -3.90
CA VAL A 153 -3.34 -16.12 -3.39
C VAL A 153 -4.73 -15.94 -2.80
N ILE A 154 -4.83 -15.98 -1.48
CA ILE A 154 -6.11 -15.84 -0.80
C ILE A 154 -6.27 -14.38 -0.43
N ALA A 155 -7.17 -13.68 -1.11
CA ALA A 155 -7.49 -12.31 -0.77
C ALA A 155 -8.68 -12.26 0.19
N TYR A 156 -8.73 -11.22 1.00
CA TYR A 156 -9.85 -11.00 1.90
C TYR A 156 -10.19 -9.53 1.99
N VAL A 157 -11.42 -9.19 1.61
CA VAL A 157 -11.89 -7.82 1.61
C VAL A 157 -13.19 -7.80 2.41
N PRO A 158 -13.30 -7.04 3.49
CA PRO A 158 -14.55 -7.06 4.28
C PRO A 158 -15.70 -6.46 3.48
N TRP A 159 -16.83 -7.18 3.48
CA TRP A 159 -18.02 -6.79 2.72
C TRP A 159 -17.68 -6.48 1.27
N LEU A 160 -17.14 -7.50 0.60
CA LEU A 160 -16.81 -7.42 -0.80
C LEU A 160 -18.11 -7.29 -1.56
N SER A 161 -18.11 -6.48 -2.61
CA SER A 161 -19.29 -6.21 -3.41
C SER A 161 -19.06 -6.71 -4.84
N LYS A 162 -20.11 -6.59 -5.67
CA LYS A 162 -20.02 -7.09 -7.03
C LYS A 162 -19.12 -6.19 -7.88
N GLU A 163 -19.21 -4.90 -7.66
CA GLU A 163 -18.40 -3.96 -8.41
C GLU A 163 -16.95 -4.12 -8.03
N GLN A 164 -16.67 -4.21 -6.74
CA GLN A 164 -15.32 -4.41 -6.26
C GLN A 164 -14.68 -5.62 -6.94
N ALA A 165 -15.40 -6.74 -6.97
CA ALA A 165 -14.84 -7.97 -7.53
C ALA A 165 -14.52 -7.82 -9.01
N GLU A 166 -15.19 -6.90 -9.71
CA GLU A 166 -14.88 -6.67 -11.12
C GLU A 166 -13.40 -6.38 -11.31
N TYR A 167 -12.79 -5.75 -10.31
CA TYR A 167 -11.46 -5.19 -10.43
C TYR A 167 -10.35 -6.11 -9.95
N PHE A 168 -10.75 -7.32 -9.60
CA PHE A 168 -9.84 -8.42 -9.35
C PHE A 168 -9.69 -9.10 -10.72
N VAL A 169 -8.61 -9.86 -10.90
CA VAL A 169 -8.36 -10.49 -12.17
C VAL A 169 -8.72 -11.96 -12.12
N ASP A 170 -9.09 -12.51 -13.26
CA ASP A 170 -9.52 -13.88 -13.34
C ASP A 170 -8.32 -14.77 -13.40
N SER A 171 -7.87 -15.24 -12.27
CA SER A 171 -6.76 -16.13 -12.26
C SER A 171 -7.21 -17.27 -11.40
N GLU A 172 -6.91 -18.48 -11.82
CA GLU A 172 -7.29 -19.66 -11.06
C GLU A 172 -6.63 -19.71 -9.69
N ASN A 173 -5.38 -19.24 -9.60
CA ASN A 173 -4.64 -19.16 -8.35
C ASN A 173 -5.14 -18.09 -7.36
N LEU A 174 -6.01 -17.20 -7.79
CA LEU A 174 -6.52 -16.15 -6.91
C LEU A 174 -7.91 -16.48 -6.37
N LEU A 175 -8.03 -16.50 -5.06
CA LEU A 175 -9.29 -16.85 -4.41
C LEU A 175 -9.70 -15.90 -3.29
N HIS A 176 -10.93 -16.05 -2.84
CA HIS A 176 -11.50 -15.23 -1.79
C HIS A 176 -12.46 -16.11 -1.00
N PRO A 177 -12.63 -15.84 0.28
CA PRO A 177 -13.55 -16.66 1.08
C PRO A 177 -14.99 -16.19 0.97
N VAL A 178 -15.90 -17.15 0.88
CA VAL A 178 -17.31 -16.85 0.78
C VAL A 178 -18.06 -17.97 1.48
N VAL A 179 -19.20 -17.67 2.07
CA VAL A 179 -19.92 -18.72 2.77
C VAL A 179 -21.10 -19.19 1.94
N GLU A 180 -21.12 -20.48 1.63
CA GLU A 180 -22.19 -21.04 0.84
C GLU A 180 -23.29 -21.73 1.67
N ASN A 181 -24.06 -20.94 2.42
CA ASN A 181 -25.20 -21.48 3.15
C ASN A 181 -24.86 -22.71 4.00
N GLY A 182 -23.97 -22.58 4.97
CA GLY A 182 -23.62 -23.72 5.74
C GLY A 182 -22.15 -24.09 5.66
N LYS A 183 -21.35 -23.65 4.68
CA LYS A 183 -19.94 -24.00 4.65
C LYS A 183 -19.10 -22.80 4.18
N LEU A 184 -17.89 -22.68 4.70
CA LEU A 184 -17.03 -21.58 4.30
C LEU A 184 -16.13 -22.14 3.22
N GLU A 185 -16.09 -21.46 2.09
CA GLU A 185 -15.29 -21.94 0.96
C GLU A 185 -14.55 -20.83 0.23
N LEU A 186 -13.55 -21.21 -0.56
CA LEU A 186 -12.76 -20.26 -1.34
C LEU A 186 -13.17 -20.30 -2.80
N LYS A 187 -13.57 -19.16 -3.32
CA LYS A 187 -13.92 -19.07 -4.72
C LYS A 187 -13.26 -17.82 -5.29
N HIS A 188 -13.37 -17.62 -6.57
CA HIS A 188 -12.78 -16.44 -7.14
C HIS A 188 -13.61 -15.27 -6.71
N PRO A 189 -12.98 -14.10 -6.53
CA PRO A 189 -13.60 -12.83 -6.14
C PRO A 189 -14.90 -12.51 -6.86
N LYS A 190 -14.96 -12.75 -8.16
CA LYS A 190 -16.12 -12.56 -9.00
C LYS A 190 -17.29 -13.43 -8.54
N GLU A 191 -17.02 -14.64 -8.06
CA GLU A 191 -18.06 -15.53 -7.55
C GLU A 191 -18.24 -15.51 -6.02
N ALA A 192 -17.49 -14.67 -5.31
CA ALA A 192 -17.59 -14.62 -3.84
C ALA A 192 -18.16 -13.36 -3.18
N TYR A 193 -18.71 -12.44 -3.95
CA TYR A 193 -19.28 -11.20 -3.41
C TYR A 193 -20.62 -11.36 -2.73
N ASN A 194 -21.00 -10.36 -1.94
CA ASN A 194 -22.30 -10.36 -1.28
C ASN A 194 -23.11 -9.29 -1.99
N PRO A 195 -24.20 -9.68 -2.66
CA PRO A 195 -25.00 -8.71 -3.42
C PRO A 195 -25.54 -7.56 -2.59
N ASP A 196 -25.45 -7.67 -1.26
CA ASP A 196 -26.09 -6.74 -0.35
C ASP A 196 -25.18 -5.59 0.05
N ASN A 197 -23.93 -5.59 -0.39
CA ASN A 197 -22.97 -4.54 -0.10
C ASN A 197 -22.67 -3.73 -1.35
N LYS A 198 -22.24 -2.50 -1.13
CA LYS A 198 -21.71 -1.64 -2.19
C LYS A 198 -20.24 -1.35 -1.91
N PRO A 199 -19.52 -0.84 -2.88
CA PRO A 199 -18.10 -0.70 -2.65
C PRO A 199 -17.53 0.61 -2.21
N LYS A 200 -16.37 0.52 -1.58
CA LYS A 200 -15.58 1.70 -1.21
C LYS A 200 -14.88 2.21 -2.46
N VAL A 201 -15.30 3.36 -2.93
CA VAL A 201 -14.73 3.93 -4.12
C VAL A 201 -14.33 5.36 -3.88
N ASN A 202 -13.17 5.73 -4.39
CA ASN A 202 -12.72 7.10 -4.27
C ASN A 202 -12.89 7.84 -5.60
N TRP A 203 -13.57 8.98 -5.56
CA TRP A 203 -13.79 9.74 -6.77
C TRP A 203 -12.86 10.92 -6.82
N ILE A 204 -12.10 11.00 -7.90
CA ILE A 204 -11.18 12.10 -8.10
C ILE A 204 -11.81 12.88 -9.22
N ILE A 205 -12.17 14.13 -8.95
CA ILE A 205 -12.82 14.94 -9.96
C ILE A 205 -11.86 16.00 -10.45
N GLU A 206 -11.64 16.03 -11.76
CA GLU A 206 -10.70 16.99 -12.32
C GLU A 206 -11.34 17.96 -13.29
N PHE A 207 -11.00 19.24 -13.14
CA PHE A 207 -11.51 20.27 -14.02
C PHE A 207 -10.35 21.09 -14.57
N SER A 208 -10.58 21.83 -15.64
CA SER A 208 -9.51 22.64 -16.23
C SER A 208 -9.81 24.09 -16.56
N LYS A 209 -8.73 24.86 -16.66
CA LYS A 209 -8.77 26.29 -16.95
C LYS A 209 -9.86 26.61 -17.97
N GLY A 210 -10.69 27.59 -17.63
CA GLY A 210 -11.70 28.10 -18.52
C GLY A 210 -13.08 27.54 -18.35
N LEU A 211 -13.31 26.65 -17.40
CA LEU A 211 -14.61 26.04 -17.25
C LEU A 211 -15.62 27.08 -16.84
N GLU A 212 -16.71 27.21 -17.59
CA GLU A 212 -17.73 28.21 -17.31
C GLU A 212 -19.00 27.58 -16.76
N VAL A 213 -19.51 28.11 -15.66
CA VAL A 213 -20.74 27.56 -15.08
C VAL A 213 -21.65 28.67 -14.57
N LYS A 214 -22.93 28.66 -14.94
CA LYS A 214 -23.81 29.67 -14.39
C LYS A 214 -24.57 29.07 -13.21
N PHE A 215 -24.22 29.51 -12.01
CA PHE A 215 -24.87 29.06 -10.78
C PHE A 215 -25.42 30.25 -9.99
N ALA A 216 -26.69 30.14 -9.61
CA ALA A 216 -27.38 31.17 -8.81
C ALA A 216 -27.23 32.54 -9.44
N GLY A 217 -27.18 32.60 -10.76
CA GLY A 217 -27.00 33.85 -11.47
C GLY A 217 -25.57 34.34 -11.53
N GLU A 218 -24.68 33.74 -10.77
CA GLU A 218 -23.29 34.13 -10.78
C GLU A 218 -22.60 33.28 -11.83
N LYS A 219 -21.60 33.82 -12.51
CA LYS A 219 -20.89 33.05 -13.52
C LYS A 219 -19.52 32.73 -13.00
N ILE A 220 -19.16 31.46 -13.04
CA ILE A 220 -17.86 31.05 -12.56
C ILE A 220 -16.99 30.47 -13.66
N VAL A 221 -15.79 31.01 -13.79
CA VAL A 221 -14.80 30.55 -14.75
C VAL A 221 -13.61 30.08 -13.90
N VAL A 222 -13.10 28.88 -14.18
CA VAL A 222 -11.98 28.34 -13.42
C VAL A 222 -10.62 28.84 -13.89
N PRO A 223 -9.86 29.43 -12.96
CA PRO A 223 -8.52 30.00 -13.14
C PRO A 223 -7.39 29.04 -13.53
N ARG A 224 -7.29 27.88 -12.89
CA ARG A 224 -6.22 26.93 -13.20
C ARG A 224 -6.65 25.50 -13.02
N ASP A 225 -5.95 24.56 -13.65
CA ASP A 225 -6.31 23.17 -13.54
C ASP A 225 -6.22 22.74 -12.10
N ASN A 226 -7.11 21.85 -11.71
CA ASN A 226 -7.20 21.36 -10.34
C ASN A 226 -8.07 20.10 -10.23
N ARG A 227 -7.92 19.32 -9.16
CA ARG A 227 -8.68 18.12 -8.91
C ARG A 227 -9.35 18.15 -7.54
N LEU A 228 -10.47 17.45 -7.42
CA LEU A 228 -11.21 17.32 -6.16
C LEU A 228 -11.30 15.85 -5.85
N ILE A 229 -11.02 15.47 -4.61
CA ILE A 229 -11.07 14.07 -4.25
C ILE A 229 -12.11 13.77 -3.19
N VAL A 230 -13.03 12.86 -3.51
CA VAL A 230 -14.02 12.46 -2.53
C VAL A 230 -13.56 11.09 -2.11
N SER A 231 -13.22 10.96 -0.85
CA SER A 231 -12.67 9.71 -0.32
C SER A 231 -13.71 9.04 0.57
N SER A 232 -14.25 7.93 0.07
CA SER A 232 -15.22 7.13 0.82
C SER A 232 -14.53 6.48 2.02
N ARG A 233 -15.00 6.79 3.22
CA ARG A 233 -14.51 6.18 4.45
C ARG A 233 -15.75 5.74 5.21
N PRO A 234 -16.39 4.64 4.76
CA PRO A 234 -17.64 4.22 5.43
C PRO A 234 -17.36 3.58 6.78
N PRO A 235 -18.08 3.99 7.84
CA PRO A 235 -17.75 3.49 9.19
C PRO A 235 -17.99 2.00 9.41
N TRP A 236 -18.76 1.33 8.56
CA TRP A 236 -19.04 -0.08 8.81
C TRP A 236 -17.95 -1.01 8.29
N ILE A 237 -17.08 -0.53 7.40
CA ILE A 237 -15.98 -1.33 6.88
C ILE A 237 -14.81 -1.19 7.84
N ARG A 238 -14.42 -2.30 8.47
CA ARG A 238 -13.49 -2.25 9.58
C ARG A 238 -12.45 -3.35 9.43
N ILE A 239 -11.56 -3.41 10.41
CA ILE A 239 -10.50 -4.44 10.43
C ILE A 239 -11.07 -5.60 11.24
N ASP A 240 -11.98 -6.32 10.61
CA ASP A 240 -12.68 -7.44 11.23
C ASP A 240 -13.13 -8.47 10.19
N MET A 241 -13.57 -9.63 10.65
CA MET A 241 -14.03 -10.69 9.77
C MET A 241 -15.13 -11.56 10.39
N SER A 242 -15.82 -12.30 9.55
CA SER A 242 -16.91 -13.17 9.99
C SER A 242 -16.43 -14.31 10.87
N GLU A 243 -17.29 -14.75 11.78
CA GLU A 243 -16.96 -15.86 12.65
C GLU A 243 -16.56 -17.06 11.83
N GLU A 244 -17.28 -17.31 10.75
CA GLU A 244 -16.97 -18.43 9.86
C GLU A 244 -15.52 -18.36 9.39
N LEU A 245 -15.11 -17.19 8.93
CA LEU A 245 -13.74 -17.02 8.47
C LEU A 245 -12.78 -17.16 9.63
N TYR A 246 -13.11 -16.56 10.76
CA TYR A 246 -12.27 -16.60 11.93
C TYR A 246 -11.91 -18.02 12.37
N GLU A 247 -12.90 -18.91 12.38
CA GLU A 247 -12.67 -20.28 12.79
C GLU A 247 -11.92 -21.07 11.72
N HIS A 248 -11.88 -20.58 10.48
CA HIS A 248 -11.11 -21.19 9.40
C HIS A 248 -9.70 -20.65 9.25
N LEU A 249 -9.26 -19.76 10.13
CA LEU A 249 -7.91 -19.22 10.02
C LEU A 249 -6.83 -20.29 10.07
N PRO A 250 -6.91 -21.20 11.03
CA PRO A 250 -5.87 -22.23 11.11
C PRO A 250 -5.76 -23.06 9.84
N GLU A 251 -6.89 -23.41 9.24
CA GLU A 251 -6.87 -24.16 7.98
C GLU A 251 -6.28 -23.34 6.84
N ILE A 252 -6.57 -22.04 6.80
CA ILE A 252 -5.89 -21.18 5.83
C ILE A 252 -4.40 -21.10 6.14
N GLY A 253 -4.06 -20.77 7.39
CA GLY A 253 -2.66 -20.64 7.76
C GLY A 253 -1.87 -21.91 7.47
N LYS A 254 -2.50 -23.07 7.67
CA LYS A 254 -1.85 -24.34 7.39
C LYS A 254 -1.37 -24.42 5.95
N ASN A 255 -2.03 -23.70 5.05
CA ASN A 255 -1.92 -23.90 3.61
C ASN A 255 -1.25 -22.72 2.90
N ILE A 256 -0.74 -21.76 3.66
CA ILE A 256 -0.01 -20.64 3.12
C ILE A 256 1.35 -20.59 3.80
N ASP A 257 2.29 -19.91 3.16
CA ASP A 257 3.62 -19.75 3.73
C ASP A 257 3.78 -18.41 4.44
N GLY A 258 3.01 -17.40 4.04
CA GLY A 258 3.02 -16.13 4.73
C GLY A 258 1.73 -15.38 4.48
N ALA A 259 1.61 -14.24 5.14
CA ALA A 259 0.46 -13.36 4.98
C ALA A 259 0.95 -11.93 4.89
N ILE A 260 0.29 -11.14 4.04
CA ILE A 260 0.54 -9.72 3.92
C ILE A 260 -0.69 -8.98 4.41
N LEU A 261 -0.51 -8.16 5.44
CA LEU A 261 -1.63 -7.49 6.10
C LEU A 261 -1.44 -5.98 6.04
N SER A 262 -2.53 -5.28 5.72
CA SER A 262 -2.49 -3.84 5.55
C SER A 262 -3.89 -3.28 5.78
N GLY A 263 -4.01 -1.96 5.69
CA GLY A 263 -5.28 -1.31 5.91
C GLY A 263 -5.54 -0.86 7.33
N TYR A 264 -4.58 -1.03 8.25
CA TYR A 264 -4.85 -0.68 9.64
C TYR A 264 -5.11 0.80 9.84
N GLN A 265 -4.89 1.63 8.82
CA GLN A 265 -5.08 3.06 8.97
C GLN A 265 -6.56 3.48 9.05
N MET A 266 -7.50 2.60 8.72
CA MET A 266 -8.91 2.95 8.77
C MET A 266 -9.58 2.56 10.08
N ILE A 267 -8.79 2.28 11.12
CA ILE A 267 -9.33 2.10 12.46
C ILE A 267 -9.50 3.47 13.11
N LYS A 268 -10.69 3.74 13.64
CA LYS A 268 -10.99 5.01 14.27
C LYS A 268 -10.89 4.89 15.80
N GLU A 269 -10.69 6.03 16.46
CA GLU A 269 -10.70 6.02 17.92
C GLU A 269 -12.03 5.48 18.43
N GLU A 270 -13.13 6.01 17.93
CA GLU A 270 -14.46 5.78 18.47
C GLU A 270 -15.37 5.23 17.37
N TYR A 271 -16.12 4.18 17.70
CA TYR A 271 -17.15 3.65 16.83
C TYR A 271 -18.50 3.78 17.52
N GLU A 272 -19.52 4.23 16.78
CA GLU A 272 -20.79 4.59 17.41
C GLU A 272 -21.44 3.43 18.13
N ASP A 273 -21.13 2.19 17.77
CA ASP A 273 -21.76 1.02 18.38
C ASP A 273 -21.01 0.52 19.60
N GLY A 274 -20.30 1.40 20.31
CA GLY A 274 -19.62 1.04 21.54
C GLY A 274 -18.20 0.54 21.38
N LYS A 275 -17.79 0.20 20.15
CA LYS A 275 -16.43 -0.25 19.90
C LYS A 275 -15.47 0.95 19.86
N THR A 276 -14.20 0.67 20.10
CA THR A 276 -13.15 1.68 20.11
C THR A 276 -11.92 1.09 19.41
N TYR A 277 -10.89 1.88 19.22
CA TYR A 277 -9.74 1.39 18.50
C TYR A 277 -9.17 0.18 19.21
N LYS A 278 -9.30 0.15 20.52
CA LYS A 278 -8.71 -0.90 21.32
C LYS A 278 -9.25 -2.25 20.90
N ASP A 279 -10.53 -2.31 20.56
CA ASP A 279 -11.14 -3.59 20.24
C ASP A 279 -10.61 -4.15 18.93
N TYR A 280 -10.32 -3.28 17.97
CA TYR A 280 -9.88 -3.77 16.67
C TYR A 280 -8.39 -4.06 16.64
N VAL A 281 -7.60 -3.41 17.50
CA VAL A 281 -6.25 -3.89 17.76
C VAL A 281 -6.30 -5.31 18.32
N GLU A 282 -7.18 -5.55 19.30
CA GLU A 282 -7.23 -6.87 19.91
C GLU A 282 -7.66 -7.90 18.88
N LYS A 283 -8.55 -7.52 17.97
CA LYS A 283 -8.97 -8.41 16.90
C LYS A 283 -7.83 -8.66 15.93
N ALA A 284 -7.16 -7.59 15.49
CA ALA A 284 -6.04 -7.73 14.56
C ALA A 284 -5.04 -8.76 15.05
N VAL A 285 -4.68 -8.69 16.34
CA VAL A 285 -3.66 -9.56 16.86
C VAL A 285 -4.15 -11.00 16.93
N ASN A 286 -5.45 -11.20 17.22
CA ASN A 286 -5.98 -12.55 17.25
C ASN A 286 -5.91 -13.19 15.87
N VAL A 287 -6.23 -12.41 14.85
CA VAL A 287 -6.19 -12.89 13.47
C VAL A 287 -4.81 -13.46 13.17
N ILE A 288 -3.77 -12.75 13.58
CA ILE A 288 -2.39 -13.18 13.41
C ILE A 288 -2.13 -14.45 14.22
N LYS A 289 -2.59 -14.47 15.47
CA LYS A 289 -2.33 -15.64 16.31
C LYS A 289 -3.06 -16.88 15.79
N ARG A 290 -4.31 -16.74 15.38
CA ARG A 290 -5.02 -17.86 14.80
C ARG A 290 -4.29 -18.43 13.59
N LEU A 291 -3.88 -17.56 12.66
CA LEU A 291 -3.06 -18.00 11.54
C LEU A 291 -1.85 -18.79 12.00
N LYS A 292 -1.17 -18.32 13.05
CA LYS A 292 -0.02 -19.05 13.54
C LYS A 292 -0.41 -20.37 14.20
N GLU A 293 -1.64 -20.49 14.70
CA GLU A 293 -2.10 -21.77 15.23
C GLU A 293 -2.09 -22.86 14.15
N GLY A 294 -2.48 -22.51 12.92
CA GLY A 294 -2.51 -23.48 11.85
C GLY A 294 -1.16 -23.76 11.24
N ASN A 295 -0.27 -22.79 11.30
CA ASN A 295 1.09 -22.93 10.78
C ASN A 295 2.05 -22.16 11.68
N PRO A 296 2.85 -22.84 12.51
CA PRO A 296 3.75 -22.11 13.41
C PRO A 296 4.90 -21.44 12.69
N ASP A 297 5.24 -21.90 11.49
CA ASP A 297 6.37 -21.36 10.72
C ASP A 297 5.96 -20.21 9.81
N ILE A 298 4.71 -19.75 9.88
CA ILE A 298 4.24 -18.73 8.97
C ILE A 298 4.95 -17.40 9.25
N ARG A 299 5.18 -16.57 8.23
CA ARG A 299 5.79 -15.24 8.32
C ARG A 299 4.80 -14.13 7.88
N ILE A 300 4.51 -13.18 8.75
CA ILE A 300 3.51 -12.14 8.55
C ILE A 300 4.22 -10.83 8.23
N HIS A 301 3.81 -10.22 7.12
CA HIS A 301 4.26 -8.90 6.70
C HIS A 301 3.16 -7.89 6.88
N VAL A 302 3.51 -6.69 7.33
CA VAL A 302 2.61 -5.55 7.40
C VAL A 302 3.19 -4.42 6.57
N GLU A 303 2.40 -3.91 5.62
CA GLU A 303 2.77 -2.70 4.89
C GLU A 303 2.23 -1.50 5.65
N PHE A 304 3.13 -0.58 5.99
CA PHE A 304 2.75 0.60 6.75
C PHE A 304 2.43 1.74 5.79
N THR A 305 1.71 2.74 6.29
CA THR A 305 1.37 3.89 5.47
C THR A 305 1.07 5.07 6.38
N SER A 306 0.90 6.23 5.76
CA SER A 306 0.57 7.45 6.51
C SER A 306 -0.69 7.25 7.33
N ILE A 307 -0.61 7.62 8.61
CA ILE A 307 -1.73 7.50 9.54
C ILE A 307 -1.80 8.82 10.30
N GLN A 308 -2.74 9.68 9.89
CA GLN A 308 -2.82 11.05 10.38
C GLN A 308 -2.86 11.10 11.90
N ASN A 309 -3.62 10.22 12.52
CA ASN A 309 -3.86 10.27 13.96
C ASN A 309 -2.78 9.46 14.68
N LYS A 310 -2.06 10.13 15.59
CA LYS A 310 -0.83 9.59 16.14
C LYS A 310 -1.11 8.61 17.29
N LEU A 311 -2.24 8.78 17.99
CA LEU A 311 -2.65 7.78 18.98
C LEU A 311 -2.83 6.41 18.34
N ILE A 312 -3.50 6.37 17.19
CA ILE A 312 -3.71 5.12 16.44
C ILE A 312 -2.41 4.56 15.85
N ARG A 313 -1.61 5.42 15.22
CA ARG A 313 -0.30 5.02 14.69
C ARG A 313 0.52 4.31 15.75
N LYS A 314 0.48 4.82 16.98
CA LYS A 314 1.28 4.26 18.06
C LYS A 314 0.77 2.87 18.45
N ALA A 315 -0.55 2.74 18.53
CA ALA A 315 -1.16 1.45 18.85
C ALA A 315 -0.87 0.42 17.77
N ILE A 316 -0.99 0.81 16.51
CA ILE A 316 -0.68 -0.08 15.38
C ILE A 316 0.74 -0.60 15.50
N LEU A 317 1.69 0.30 15.76
CA LEU A 317 3.09 -0.09 15.82
C LEU A 317 3.39 -0.90 17.08
N LYS A 318 3.06 -0.35 18.22
CA LYS A 318 3.37 -0.97 19.50
C LYS A 318 2.45 -2.04 19.92
N ASP A 319 1.17 -1.74 19.95
CA ASP A 319 0.20 -2.74 20.31
C ASP A 319 0.04 -3.86 19.29
N ILE A 320 0.02 -3.58 18.00
CA ILE A 320 -0.18 -4.68 17.03
C ILE A 320 1.02 -5.27 16.29
N VAL A 321 1.75 -4.42 15.59
CA VAL A 321 2.90 -4.81 14.80
C VAL A 321 4.13 -5.35 15.52
N ARG A 322 4.42 -4.82 16.68
CA ARG A 322 5.69 -5.10 17.35
C ARG A 322 6.16 -6.50 17.70
N LYS A 323 5.34 -7.37 18.28
CA LYS A 323 5.87 -8.69 18.60
C LYS A 323 5.25 -9.83 17.84
N HIS A 324 4.18 -9.53 17.14
CA HIS A 324 3.40 -10.53 16.43
C HIS A 324 3.73 -10.57 14.94
N VAL A 325 4.30 -9.49 14.41
CA VAL A 325 4.67 -9.39 13.00
C VAL A 325 6.15 -9.67 12.85
N HIS A 326 6.57 -10.36 11.77
CA HIS A 326 7.97 -10.57 11.46
C HIS A 326 8.57 -9.60 10.40
N SER A 327 7.76 -8.90 9.61
CA SER A 327 8.30 -8.10 8.51
C SER A 327 7.46 -6.84 8.32
N LEU A 328 8.14 -5.71 8.14
CA LEU A 328 7.47 -4.45 7.94
C LEU A 328 8.02 -3.72 6.73
N GLY A 329 7.13 -3.11 5.95
CA GLY A 329 7.52 -2.35 4.80
C GLY A 329 7.00 -0.92 4.83
N LEU A 330 7.87 0.05 4.62
CA LEU A 330 7.45 1.45 4.64
C LEU A 330 8.34 2.38 3.83
N ASP A 331 7.81 3.53 3.44
CA ASP A 331 8.58 4.53 2.71
C ASP A 331 9.34 5.46 3.65
N THR A 332 10.21 6.28 3.11
CA THR A 332 11.01 7.20 3.90
C THR A 332 10.25 8.03 4.92
N VAL A 333 9.17 8.65 4.48
CA VAL A 333 8.39 9.50 5.35
C VAL A 333 7.79 8.73 6.50
N GLU A 334 7.32 7.53 6.21
CA GLU A 334 6.68 6.66 7.18
C GLU A 334 7.64 6.23 8.28
N VAL A 335 8.92 6.18 7.97
CA VAL A 335 9.90 5.85 8.99
C VAL A 335 9.88 6.96 10.01
N ALA A 336 9.83 8.21 9.54
CA ALA A 336 9.76 9.36 10.43
C ALA A 336 8.47 9.36 11.25
N ASN A 337 7.34 9.03 10.61
CA ASN A 337 6.09 8.94 11.36
C ASN A 337 6.24 7.94 12.51
N ALA A 338 6.82 6.77 12.23
CA ALA A 338 6.98 5.75 13.26
C ALA A 338 7.93 6.21 14.35
N LEU A 339 9.13 6.67 13.97
CA LEU A 339 10.08 7.17 14.96
C LEU A 339 9.45 8.23 15.85
N ASN A 340 8.60 9.07 15.27
CA ASN A 340 8.07 10.22 15.97
C ASN A 340 7.21 9.77 17.15
N VAL A 341 6.33 8.78 16.92
CA VAL A 341 5.47 8.27 17.99
C VAL A 341 6.16 7.21 18.84
N LEU A 342 7.37 6.83 18.46
CA LEU A 342 8.14 5.84 19.20
C LEU A 342 9.17 6.48 20.12
N GLY A 343 9.16 7.80 20.24
CA GLY A 343 10.12 8.47 21.08
C GLY A 343 11.40 9.04 20.50
N TYR A 344 11.49 9.17 19.18
CA TYR A 344 12.69 9.72 18.57
C TYR A 344 12.33 10.86 17.63
N GLU A 345 11.95 11.99 18.21
CA GLU A 345 11.54 13.14 17.43
C GLU A 345 12.64 13.76 16.60
N GLU A 346 13.85 13.78 17.14
CA GLU A 346 14.99 14.36 16.43
C GLU A 346 15.41 13.58 15.20
N LEU A 347 15.50 12.26 15.35
CA LEU A 347 15.86 11.37 14.26
C LEU A 347 14.80 11.37 13.16
N ALA A 348 13.53 11.48 13.55
CA ALA A 348 12.46 11.66 12.57
C ALA A 348 12.62 12.99 11.84
N TYR A 349 13.03 14.03 12.57
CA TYR A 349 13.25 15.33 11.93
C TYR A 349 14.40 15.27 10.94
N SER A 350 15.41 14.46 11.22
CA SER A 350 16.60 14.41 10.37
C SER A 350 16.32 13.65 9.07
N VAL A 351 15.49 12.61 9.11
CA VAL A 351 15.16 11.89 7.89
C VAL A 351 14.28 12.75 6.98
N ILE A 352 13.37 13.52 7.58
CA ILE A 352 12.47 14.35 6.80
C ILE A 352 13.20 15.46 6.07
N LYS A 353 14.24 16.03 6.69
CA LYS A 353 15.07 17.00 5.99
C LYS A 353 15.71 16.33 4.78
N LYS A 354 15.71 16.99 3.66
CA LYS A 354 16.32 16.40 2.53
C LYS A 354 17.63 17.13 2.38
N ASP A 355 18.71 16.48 2.82
CA ASP A 355 20.07 16.97 2.74
C ASP A 355 20.99 15.76 2.75
N GLU A 356 22.29 15.92 2.87
CA GLU A 356 23.17 14.77 2.87
C GLU A 356 22.95 13.83 4.05
N ASN A 357 22.71 14.35 5.23
CA ASN A 357 22.56 13.51 6.42
C ASN A 357 21.33 12.61 6.34
N ALA A 358 20.34 12.97 5.54
CA ALA A 358 19.06 12.27 5.47
C ALA A 358 19.21 10.76 5.40
N ILE A 359 20.15 10.27 4.60
CA ILE A 359 20.30 8.83 4.45
C ILE A 359 21.01 8.20 5.65
N VAL A 360 21.86 8.96 6.34
CA VAL A 360 22.43 8.47 7.60
C VAL A 360 21.32 8.27 8.63
N ALA A 361 20.40 9.24 8.71
CA ALA A 361 19.29 9.12 9.64
C ALA A 361 18.31 8.03 9.21
N LEU A 362 18.18 7.81 7.91
CA LEU A 362 17.29 6.78 7.41
C LEU A 362 17.81 5.44 7.92
N TYR A 363 19.08 5.17 7.66
CA TYR A 363 19.74 3.96 8.14
C TYR A 363 19.52 3.75 9.63
N GLU A 364 20.04 4.66 10.46
CA GLU A 364 19.94 4.49 11.90
C GLU A 364 18.49 4.32 12.33
N GLY A 365 17.59 5.10 11.75
CA GLY A 365 16.17 4.95 12.06
C GLY A 365 15.67 3.55 11.77
N ALA A 366 16.05 3.02 10.61
CA ALA A 366 15.65 1.68 10.24
C ALA A 366 16.16 0.70 11.28
N VAL A 367 17.40 0.89 11.72
CA VAL A 367 17.96 0.05 12.77
C VAL A 367 17.15 0.19 14.05
N ILE A 368 16.72 1.42 14.37
CA ILE A 368 15.86 1.59 15.53
C ILE A 368 14.61 0.73 15.42
N LEU A 369 13.87 0.92 14.34
CA LEU A 369 12.63 0.18 14.15
C LEU A 369 12.79 -1.32 14.27
N LEU A 370 13.91 -1.86 13.83
CA LEU A 370 14.07 -3.31 13.91
C LEU A 370 14.10 -3.81 15.35
N HIS A 371 14.84 -3.12 16.19
CA HIS A 371 14.99 -3.52 17.58
C HIS A 371 13.80 -3.09 18.42
N GLU A 372 13.42 -1.82 18.33
CA GLU A 372 12.32 -1.32 19.16
C GLU A 372 11.04 -2.12 18.90
N LEU A 373 10.86 -2.60 17.68
CA LEU A 373 9.68 -3.37 17.29
C LEU A 373 9.96 -4.85 17.11
N LYS A 374 11.14 -5.32 17.49
CA LYS A 374 11.52 -6.75 17.42
C LYS A 374 11.10 -7.48 16.16
N LEU A 375 11.60 -7.07 15.01
CA LEU A 375 11.20 -7.73 13.80
C LEU A 375 12.33 -8.48 13.16
N GLU A 376 11.98 -9.38 12.26
CA GLU A 376 12.96 -10.10 11.48
C GLU A 376 13.56 -9.20 10.40
N ARG A 377 12.75 -8.32 9.82
CA ARG A 377 13.26 -7.44 8.79
C ARG A 377 12.43 -6.20 8.62
N VAL A 378 13.10 -5.09 8.38
CA VAL A 378 12.43 -3.84 8.13
C VAL A 378 12.85 -3.46 6.74
N HIS A 379 11.89 -3.28 5.85
CA HIS A 379 12.22 -2.94 4.50
C HIS A 379 11.78 -1.53 4.21
N VAL A 380 12.74 -0.68 3.90
CA VAL A 380 12.44 0.70 3.61
C VAL A 380 12.76 0.93 2.16
N HIS A 381 11.77 1.39 1.41
CA HIS A 381 12.02 1.65 0.02
C HIS A 381 11.96 3.12 -0.24
N SER A 382 13.06 3.66 -0.73
CA SER A 382 13.13 5.08 -1.03
C SER A 382 13.22 5.26 -2.53
N LEU A 383 13.37 6.50 -2.97
CA LEU A 383 13.44 6.80 -4.40
C LEU A 383 14.58 6.23 -5.24
N GLY A 384 15.81 6.27 -4.73
CA GLY A 384 16.90 5.73 -5.51
C GLY A 384 17.59 4.51 -4.93
N TYR A 385 17.09 4.02 -3.82
CA TYR A 385 17.70 2.91 -3.14
C TYR A 385 16.81 2.22 -2.15
N TYR A 386 17.18 1.02 -1.75
CA TYR A 386 16.40 0.29 -0.76
C TYR A 386 17.31 0.02 0.41
N ILE A 387 16.73 -0.07 1.60
CA ILE A 387 17.52 -0.36 2.78
C ILE A 387 16.76 -1.37 3.59
N CYS A 388 17.33 -2.54 3.81
CA CYS A 388 16.65 -3.54 4.60
C CYS A 388 17.53 -3.97 5.75
N VAL A 389 17.04 -3.82 6.97
CA VAL A 389 17.79 -4.26 8.13
C VAL A 389 17.13 -5.54 8.55
N VAL A 390 17.95 -6.53 8.86
CA VAL A 390 17.46 -7.85 9.20
C VAL A 390 18.05 -8.38 10.50
N SER A 391 17.23 -9.01 11.34
CA SER A 391 17.71 -9.57 12.59
C SER A 391 18.63 -10.76 12.35
N LYS A 392 19.46 -11.07 13.34
CA LYS A 392 20.43 -12.14 13.20
C LYS A 392 19.80 -13.53 13.22
N ASP A 393 18.62 -13.65 13.81
CA ASP A 393 17.94 -14.93 13.87
C ASP A 393 16.96 -15.09 12.71
N SER A 394 17.20 -14.40 11.61
CA SER A 394 16.36 -14.51 10.43
C SER A 394 16.50 -15.90 9.81
N PRO A 395 15.43 -16.43 9.18
CA PRO A 395 15.53 -17.75 8.56
C PRO A 395 16.22 -17.76 7.20
N VAL A 396 16.55 -16.61 6.62
CA VAL A 396 17.19 -16.60 5.32
C VAL A 396 18.42 -15.70 5.37
N SER A 397 19.35 -15.95 4.45
CA SER A 397 20.67 -15.34 4.47
C SER A 397 20.65 -13.94 3.88
N PRO A 398 21.66 -13.14 4.23
CA PRO A 398 21.79 -11.77 3.73
C PRO A 398 21.90 -11.84 2.23
N GLU A 399 22.59 -12.84 1.72
CA GLU A 399 22.75 -12.97 0.28
C GLU A 399 21.39 -13.14 -0.37
N ASP A 400 20.55 -13.99 0.22
CA ASP A 400 19.21 -14.19 -0.29
C ASP A 400 18.38 -12.93 -0.19
N HIS A 401 18.52 -12.20 0.90
CA HIS A 401 17.78 -10.96 1.07
C HIS A 401 18.14 -10.01 -0.03
N ARG A 402 19.43 -9.95 -0.36
CA ARG A 402 19.88 -9.06 -1.41
C ARG A 402 19.24 -9.45 -2.72
N LYS A 403 19.18 -10.75 -2.98
CA LYS A 403 18.46 -11.23 -4.16
C LYS A 403 17.02 -10.75 -4.16
N SER A 404 16.40 -10.62 -2.98
CA SER A 404 15.00 -10.24 -2.90
C SER A 404 14.79 -8.76 -3.17
N LEU A 405 15.72 -7.90 -2.74
CA LEU A 405 15.56 -6.48 -3.00
C LEU A 405 15.81 -6.18 -4.47
N LEU A 406 16.78 -6.88 -5.06
CA LEU A 406 17.08 -6.71 -6.48
C LEU A 406 15.88 -7.12 -7.32
N PHE A 407 15.26 -8.24 -6.96
CA PHE A 407 14.04 -8.68 -7.64
C PHE A 407 12.94 -7.66 -7.47
N ALA A 408 12.68 -7.24 -6.23
CA ALA A 408 11.67 -6.23 -5.98
C ALA A 408 11.98 -4.94 -6.74
N SER A 409 13.27 -4.57 -6.81
CA SER A 409 13.64 -3.38 -7.58
C SER A 409 13.32 -3.56 -9.06
N THR A 410 13.52 -4.78 -9.58
CA THR A 410 13.22 -5.05 -10.98
C THR A 410 11.72 -5.01 -11.23
N VAL A 411 10.94 -5.59 -10.32
CA VAL A 411 9.47 -5.59 -10.46
C VAL A 411 8.95 -4.16 -10.48
N ALA A 412 9.56 -3.28 -9.68
CA ALA A 412 9.11 -1.90 -9.63
C ALA A 412 9.44 -1.17 -10.93
N ALA A 413 10.60 -1.47 -11.53
CA ALA A 413 10.94 -0.86 -12.81
C ALA A 413 9.93 -1.23 -13.88
N ALA A 414 9.61 -2.53 -13.98
CA ALA A 414 8.66 -2.99 -14.98
C ALA A 414 7.31 -2.33 -14.80
N ARG A 415 6.82 -2.26 -13.55
CA ARG A 415 5.49 -1.72 -13.30
C ARG A 415 5.44 -0.23 -13.62
N ALA A 416 6.54 0.49 -13.35
CA ALA A 416 6.61 1.89 -13.73
C ALA A 416 6.68 2.04 -15.25
N LEU A 417 7.48 1.21 -15.91
CA LEU A 417 7.50 1.20 -17.38
C LEU A 417 6.12 1.01 -17.97
N LEU A 418 5.46 -0.08 -17.60
CA LEU A 418 4.35 -0.63 -18.36
C LEU A 418 3.00 -0.29 -17.76
N GLY A 419 2.98 0.33 -16.58
CA GLY A 419 1.77 0.62 -15.87
C GLY A 419 1.29 -0.52 -14.99
N ASN A 420 1.60 -1.76 -15.35
CA ASN A 420 1.09 -2.87 -14.56
C ASN A 420 1.77 -4.16 -14.99
N ILE A 421 1.81 -5.12 -14.07
CA ILE A 421 2.40 -6.44 -14.30
C ILE A 421 1.30 -7.38 -14.75
N ASN A 422 1.40 -7.92 -15.97
CA ASN A 422 0.43 -8.90 -16.44
C ASN A 422 0.95 -10.33 -16.41
N SER A 423 2.25 -10.54 -16.28
CA SER A 423 2.81 -11.88 -16.29
C SER A 423 4.16 -11.85 -15.57
N LEU A 424 4.69 -13.04 -15.30
CA LEU A 424 6.03 -13.14 -14.73
C LEU A 424 7.09 -12.73 -15.75
N ASP A 425 6.76 -12.76 -17.04
CA ASP A 425 7.71 -12.38 -18.07
C ASP A 425 7.83 -10.87 -18.20
N ASP A 426 6.75 -10.12 -17.93
CA ASP A 426 6.83 -8.67 -18.00
C ASP A 426 7.96 -8.13 -17.13
N ILE A 427 8.25 -8.82 -16.03
CA ILE A 427 9.23 -8.33 -15.07
C ILE A 427 10.60 -8.17 -15.70
N GLU A 428 10.88 -8.95 -16.75
CA GLU A 428 12.20 -8.93 -17.36
C GLU A 428 12.48 -7.61 -18.06
N ALA A 429 11.44 -6.85 -18.43
CA ALA A 429 11.67 -5.55 -19.06
C ALA A 429 12.32 -4.57 -18.09
N GLY A 430 12.06 -4.72 -16.78
CA GLY A 430 12.68 -3.86 -15.80
C GLY A 430 14.18 -4.06 -15.64
N LEU A 431 14.69 -5.25 -15.97
CA LEU A 431 16.14 -5.44 -15.98
C LEU A 431 16.85 -4.47 -16.92
N ASP A 432 16.16 -3.93 -17.91
CA ASP A 432 16.77 -3.05 -18.90
C ASP A 432 16.61 -1.58 -18.54
N VAL A 433 16.15 -1.28 -17.34
CA VAL A 433 16.12 0.09 -16.83
C VAL A 433 17.40 0.33 -16.07
N PRO A 434 18.14 1.41 -16.33
CA PRO A 434 19.45 1.58 -15.69
C PRO A 434 19.36 1.78 -14.19
N VAL A 435 20.39 1.26 -13.49
CA VAL A 435 20.59 1.62 -12.09
C VAL A 435 20.72 3.13 -11.98
N SER A 436 19.99 3.71 -11.04
CA SER A 436 19.95 5.18 -10.93
C SER A 436 21.26 5.71 -10.38
N GLU A 437 21.81 6.72 -11.05
CA GLU A 437 23.01 7.40 -10.57
C GLU A 437 22.71 8.23 -9.32
N GLN A 438 21.59 8.96 -9.31
CA GLN A 438 21.15 9.61 -8.08
C GLN A 438 21.19 8.66 -6.89
N GLY A 439 20.61 7.46 -7.05
CA GLY A 439 20.58 6.52 -5.95
C GLY A 439 21.96 6.00 -5.57
N TYR A 440 22.76 5.66 -6.58
CA TYR A 440 24.10 5.15 -6.32
C TYR A 440 24.94 6.18 -5.56
N ASN A 441 24.90 7.45 -5.98
CA ASN A 441 25.71 8.45 -5.30
C ASN A 441 25.19 8.74 -3.89
N GLN A 442 23.87 8.64 -3.67
CA GLN A 442 23.36 8.77 -2.32
C GLN A 442 23.95 7.71 -1.38
N LEU A 443 24.14 6.49 -1.86
CA LEU A 443 24.75 5.48 -1.01
C LEU A 443 26.18 5.85 -0.66
N GLU A 444 26.86 6.55 -1.56
CA GLU A 444 28.25 6.93 -1.33
C GLU A 444 28.39 7.67 0.00
N LYS A 445 27.45 8.55 0.31
CA LYS A 445 27.44 9.22 1.61
C LYS A 445 27.34 8.20 2.74
N LEU A 446 26.36 7.29 2.65
CA LEU A 446 26.23 6.25 3.67
C LEU A 446 27.48 5.40 3.77
N GLU A 447 28.09 5.06 2.62
CA GLU A 447 29.33 4.29 2.62
C GLU A 447 30.41 4.93 3.48
N LYS A 448 30.60 6.24 3.34
CA LYS A 448 31.64 6.91 4.13
C LYS A 448 31.31 6.85 5.61
N TYR A 449 30.08 7.22 5.98
CA TYR A 449 29.65 7.16 7.37
C TYR A 449 29.88 5.80 7.99
N LEU A 450 29.37 4.74 7.35
CA LEU A 450 29.45 3.41 7.95
C LEU A 450 30.88 2.89 8.00
N VAL A 451 31.72 3.26 7.03
CA VAL A 451 33.13 2.90 7.10
C VAL A 451 33.79 3.58 8.29
N ARG A 452 33.61 4.90 8.40
CA ARG A 452 34.20 5.64 9.50
C ARG A 452 33.67 5.16 10.85
N ARG A 453 32.47 4.62 10.87
CA ARG A 453 31.91 4.11 12.09
C ARG A 453 32.54 2.80 12.51
N GLY A 454 33.30 2.16 11.64
CA GLY A 454 33.82 0.84 11.93
C GLY A 454 32.81 -0.27 11.74
N ILE A 455 31.54 0.06 11.54
CA ILE A 455 30.50 -0.92 11.25
C ILE A 455 30.83 -1.69 9.98
N CYS A 456 31.58 -1.08 9.07
CA CYS A 456 31.57 -1.53 7.69
C CYS A 456 32.97 -1.40 7.09
N THR A 457 33.21 -2.21 6.06
CA THR A 457 34.44 -2.12 5.26
C THR A 457 34.04 -1.79 3.83
N LEU A 458 34.86 -0.97 3.17
CA LEU A 458 34.55 -0.53 1.81
C LEU A 458 34.15 -1.70 0.92
N GLU A 459 34.76 -2.87 1.13
CA GLU A 459 34.44 -4.01 0.29
C GLU A 459 33.04 -4.53 0.62
N ASP A 460 32.69 -4.55 1.91
CA ASP A 460 31.40 -5.09 2.32
C ASP A 460 30.24 -4.22 1.86
N PHE A 461 30.41 -2.91 1.87
CA PHE A 461 29.34 -2.06 1.39
C PHE A 461 29.19 -2.13 -0.10
N GLU A 462 30.24 -1.89 -0.87
CA GLU A 462 30.09 -2.06 -2.31
C GLU A 462 29.54 -3.43 -2.65
N ASN A 463 29.69 -4.42 -1.75
CA ASN A 463 28.99 -5.69 -1.93
C ASN A 463 27.49 -5.53 -1.71
N GLY A 464 27.08 -4.59 -0.86
CA GLY A 464 25.69 -4.43 -0.51
C GLY A 464 25.22 -5.25 0.67
N CYS A 465 26.10 -6.00 1.31
CA CYS A 465 25.79 -6.79 2.50
C CYS A 465 26.67 -6.32 3.64
N ILE A 466 26.04 -5.88 4.72
CA ILE A 466 26.72 -5.30 5.87
C ILE A 466 26.27 -6.07 7.10
N CYS A 467 27.23 -6.69 7.80
CA CYS A 467 26.93 -7.50 8.97
C CYS A 467 27.47 -6.79 10.22
N THR A 468 26.73 -6.94 11.31
CA THR A 468 26.93 -6.22 12.56
C THR A 468 26.41 -7.07 13.71
N PRO A 469 27.11 -7.10 14.86
CA PRO A 469 26.68 -7.95 15.98
C PRO A 469 25.18 -8.00 16.22
N ASN A 470 24.50 -6.87 16.13
CA ASN A 470 23.09 -6.80 16.50
C ASN A 470 22.16 -7.16 15.35
N HIS A 471 22.63 -7.01 14.11
CA HIS A 471 21.77 -7.10 12.93
C HIS A 471 22.63 -7.07 11.69
N ASP A 472 22.08 -7.63 10.61
CA ASP A 472 22.61 -7.44 9.27
C ASP A 472 21.81 -6.35 8.59
N VAL A 473 22.40 -5.71 7.59
CA VAL A 473 21.70 -4.67 6.85
C VAL A 473 22.16 -4.70 5.39
N ILE A 474 21.17 -4.74 4.50
CA ILE A 474 21.37 -4.91 3.06
C ILE A 474 20.90 -3.63 2.36
N ILE A 475 21.79 -3.04 1.57
CA ILE A 475 21.49 -1.83 0.80
C ILE A 475 21.81 -2.09 -0.66
N ILE A 476 20.88 -1.71 -1.55
CA ILE A 476 21.10 -1.81 -2.99
C ILE A 476 20.74 -0.49 -3.66
N PRO A 477 21.31 -0.18 -4.82
CA PRO A 477 20.77 0.89 -5.66
C PRO A 477 19.75 0.31 -6.63
N THR A 478 18.77 1.13 -6.98
CA THR A 478 17.60 0.64 -7.68
C THR A 478 17.52 1.19 -9.10
N LYS A 479 16.62 0.59 -9.86
CA LYS A 479 16.38 0.94 -11.26
C LYS A 479 15.18 1.89 -11.30
N VAL A 480 15.42 3.13 -11.72
CA VAL A 480 14.44 4.21 -11.64
C VAL A 480 14.09 4.65 -13.05
N VAL A 481 12.78 4.76 -13.32
CA VAL A 481 12.26 5.08 -14.65
C VAL A 481 12.02 6.59 -14.72
N GLU A 482 12.47 7.22 -15.80
CA GLU A 482 12.35 8.66 -15.90
C GLU A 482 11.02 9.13 -16.48
N LYS A 483 10.44 8.40 -17.43
CA LYS A 483 9.09 8.68 -17.91
C LYS A 483 8.21 7.47 -17.67
N PRO A 484 7.79 7.30 -16.42
CA PRO A 484 6.96 6.19 -15.98
C PRO A 484 5.51 6.39 -16.35
N VAL A 485 4.84 5.30 -16.66
CA VAL A 485 3.40 5.29 -16.95
C VAL A 485 2.44 5.51 -15.76
N ALA A 486 2.65 4.84 -14.64
CA ALA A 486 1.78 5.01 -13.48
C ALA A 486 2.54 4.71 -12.22
N THR A 487 2.47 5.61 -11.27
CA THR A 487 3.21 5.51 -10.02
C THR A 487 2.32 5.06 -8.85
N VAL A 488 1.21 4.41 -9.14
CA VAL A 488 0.24 4.01 -8.12
C VAL A 488 0.51 2.56 -7.73
N GLY A 489 0.79 2.36 -6.45
CA GLY A 489 1.02 1.03 -5.92
C GLY A 489 2.40 0.47 -6.13
N ILE A 490 3.37 1.30 -6.54
CA ILE A 490 4.74 0.79 -6.71
C ILE A 490 5.32 0.38 -5.36
N GLY A 491 5.18 1.24 -4.35
CA GLY A 491 5.71 0.92 -3.04
C GLY A 491 5.11 -0.35 -2.48
N ASP A 492 3.79 -0.48 -2.57
CA ASP A 492 3.14 -1.73 -2.18
C ASP A 492 3.74 -2.91 -2.93
N THR A 493 3.87 -2.75 -4.24
CA THR A 493 4.49 -3.77 -5.08
C THR A 493 5.89 -4.11 -4.60
N ILE A 494 6.70 -3.09 -4.27
CA ILE A 494 8.08 -3.33 -3.87
C ILE A 494 8.13 -4.24 -2.65
N SER A 495 7.33 -3.92 -1.62
CA SER A 495 7.37 -4.69 -0.39
C SER A 495 6.84 -6.11 -0.60
N ALA A 496 5.78 -6.25 -1.39
CA ALA A 496 5.22 -7.58 -1.64
C ALA A 496 6.22 -8.45 -2.37
N ALA A 497 6.74 -7.96 -3.50
CA ALA A 497 7.69 -8.75 -4.29
C ALA A 497 8.89 -9.20 -3.47
N ALA A 498 9.36 -8.36 -2.54
CA ALA A 498 10.49 -8.74 -1.72
C ALA A 498 10.10 -9.81 -0.70
N PHE A 499 8.96 -9.63 -0.05
CA PHE A 499 8.54 -10.56 0.99
C PHE A 499 8.34 -11.96 0.44
N VAL A 500 7.68 -12.08 -0.72
CA VAL A 500 7.47 -13.40 -1.31
C VAL A 500 8.79 -13.99 -1.76
N SER A 501 9.67 -13.16 -2.34
CA SER A 501 11.01 -13.63 -2.69
C SER A 501 11.71 -14.22 -1.47
N VAL A 502 11.58 -13.56 -0.32
CA VAL A 502 12.14 -14.12 0.91
C VAL A 502 11.42 -15.40 1.30
N LEU A 503 10.10 -15.47 1.07
CA LEU A 503 9.38 -16.71 1.37
C LEU A 503 9.82 -17.84 0.45
N ALA A 504 10.16 -17.53 -0.80
CA ALA A 504 10.59 -18.57 -1.72
C ALA A 504 11.92 -19.17 -1.28
N LYS A 505 12.81 -18.31 -0.81
CA LYS A 505 14.13 -18.71 -0.38
C LYS A 505 14.19 -19.62 0.81
N MET A 506 13.31 -19.43 1.79
CA MET A 506 13.40 -20.26 2.97
C MET A 506 12.89 -21.64 2.68
N LYS A 507 13.17 -22.60 3.53
CA LYS A 507 12.71 -23.95 3.20
C LYS A 507 11.94 -24.67 4.30
N LYS A 508 11.09 -25.59 3.87
CA LYS A 508 10.26 -26.37 4.76
C LYS A 508 10.09 -27.74 4.17
N LYS A 509 9.76 -28.71 5.00
CA LYS A 509 9.57 -30.09 4.56
C LYS A 509 8.10 -30.48 4.68
#